data_3IPC
#
_entry.id   3IPC
#
_cell.length_a   119.770
_cell.length_b   43.030
_cell.length_c   66.460
_cell.angle_alpha   90.00
_cell.angle_beta   109.76
_cell.angle_gamma   90.00
#
_symmetry.space_group_name_H-M   'C 1 2 1'
#
loop_
_entity.id
_entity.type
_entity.pdbx_description
1 polymer 'ABC transporter, substrate binding protein (Amino acid)'
2 non-polymer LEUCINE
3 non-polymer 'SULFATE ION'
4 water water
#
_entity_poly.entity_id   1
_entity_poly.type   'polypeptide(L)'
_entity_poly.pdbx_seq_one_letter_code
;MDVVIAVGAPLTGPNAAFGAQIQKGAEQAAKDINAAGGINGEQIKIVLGDDVSDPKQGISVANKFVADGVKFVVGHANSG
VSIPASEVYAENGILEITPAATNPVFTERGLWNTFRTCGRDDQQGGIAGKYLADHFKDAKVAIIHDKTPYGQGLADETKK
AANAAGVTEVMYEGVNVGDKDFSALISKMKEAGVSIIYWGGLHTEAGLIIRQAADQGLKAKLVSGDGIVSNELASIAGDA
VEGTLNTFGPDPTLRPENKELVEKFKAAGFNPEAYTLYSYAAMQAIAGAAKAAGSVEPEKVAEALKKGSFPTALGEISFD
EKGDPKLPGYVMYEWKKGPDGKFTYIQQGSHHHHHH
;
_entity_poly.pdbx_strand_id   A
#
loop_
_chem_comp.id
_chem_comp.type
_chem_comp.name
_chem_comp.formula
SO4 non-polymer 'SULFATE ION' 'O4 S -2'
#
# COMPACT_ATOMS: atom_id res chain seq x y z
N MET A 1 -15.31 -16.49 -23.68
CA MET A 1 -14.15 -15.67 -24.00
C MET A 1 -13.44 -15.27 -22.70
N ASP A 2 -12.12 -15.10 -22.77
CA ASP A 2 -11.34 -14.85 -21.57
C ASP A 2 -11.76 -13.56 -20.89
N VAL A 3 -11.69 -13.55 -19.57
CA VAL A 3 -11.92 -12.34 -18.80
C VAL A 3 -10.60 -11.61 -18.70
N VAL A 4 -10.54 -10.41 -19.29
CA VAL A 4 -9.29 -9.65 -19.35
C VAL A 4 -9.13 -8.80 -18.09
N ILE A 5 -8.13 -9.15 -17.29
CA ILE A 5 -7.85 -8.46 -16.04
C ILE A 5 -6.44 -7.90 -16.11
N ALA A 6 -6.32 -6.60 -15.84
CA ALA A 6 -5.05 -5.91 -15.90
C ALA A 6 -4.44 -5.75 -14.52
N VAL A 7 -3.12 -5.75 -14.49
CA VAL A 7 -2.37 -5.33 -13.31
C VAL A 7 -1.70 -4.02 -13.67
N GLY A 8 -2.12 -2.96 -12.99
CA GLY A 8 -1.55 -1.64 -13.15
C GLY A 8 -0.69 -1.36 -11.93
N ALA A 9 0.60 -1.15 -12.12
CA ALA A 9 1.49 -1.09 -10.97
C ALA A 9 2.82 -0.48 -11.34
N PRO A 10 3.61 -0.07 -10.35
CA PRO A 10 4.94 0.49 -10.65
C PRO A 10 5.93 -0.65 -10.86
N LEU A 11 5.96 -1.18 -12.08
CA LEU A 11 6.81 -2.32 -12.39
C LEU A 11 8.27 -1.91 -12.51
N THR A 12 8.51 -0.65 -12.84
CA THR A 12 9.85 -0.07 -12.80
C THR A 12 9.81 1.22 -12.01
N GLY A 13 10.96 1.86 -11.85
CA GLY A 13 11.04 3.08 -11.05
C GLY A 13 11.31 2.81 -9.59
N PRO A 14 11.23 3.86 -8.76
CA PRO A 14 11.66 3.73 -7.36
C PRO A 14 10.88 2.67 -6.59
N ASN A 15 9.65 2.41 -7.01
CA ASN A 15 8.78 1.50 -6.25
C ASN A 15 8.57 0.16 -6.93
N ALA A 16 9.53 -0.21 -7.76
CA ALA A 16 9.51 -1.50 -8.45
C ALA A 16 9.28 -2.69 -7.54
N ALA A 17 9.79 -2.64 -6.31
CA ALA A 17 9.58 -3.77 -5.39
C ALA A 17 8.10 -3.95 -5.07
N PHE A 18 7.37 -2.83 -4.94
CA PHE A 18 5.95 -2.89 -4.68
C PHE A 18 5.21 -3.33 -5.93
N GLY A 19 5.70 -2.92 -7.10
CA GLY A 19 5.15 -3.40 -8.35
C GLY A 19 5.25 -4.91 -8.43
N ALA A 20 6.38 -5.47 -7.99
CA ALA A 20 6.58 -6.91 -8.02
C ALA A 20 5.64 -7.63 -7.05
N GLN A 21 5.48 -7.08 -5.85
CA GLN A 21 4.51 -7.60 -4.91
C GLN A 21 3.14 -7.73 -5.58
N ILE A 22 2.70 -6.64 -6.20
CA ILE A 22 1.38 -6.60 -6.80
C ILE A 22 1.26 -7.53 -8.01
N GLN A 23 2.24 -7.49 -8.92
CA GLN A 23 2.23 -8.35 -10.09
C GLN A 23 2.25 -9.83 -9.69
N LYS A 24 3.18 -10.22 -8.81
CA LYS A 24 3.31 -11.62 -8.46
C LYS A 24 2.06 -12.13 -7.76
N GLY A 25 1.48 -11.31 -6.88
CA GLY A 25 0.28 -11.72 -6.17
C GLY A 25 -0.89 -11.95 -7.11
N ALA A 26 -1.13 -11.00 -8.02
CA ALA A 26 -2.24 -11.09 -8.95
C ALA A 26 -2.04 -12.23 -9.95
N GLU A 27 -0.81 -12.40 -10.43
CA GLU A 27 -0.53 -13.44 -11.40
C GLU A 27 -0.75 -14.83 -10.79
N GLN A 28 -0.31 -15.03 -9.55
CA GLN A 28 -0.51 -16.33 -8.93
C GLN A 28 -1.99 -16.60 -8.67
N ALA A 29 -2.72 -15.58 -8.26
CA ALA A 29 -4.15 -15.77 -8.04
C ALA A 29 -4.85 -16.15 -9.34
N ALA A 30 -4.50 -15.48 -10.43
CA ALA A 30 -5.12 -15.78 -11.71
C ALA A 30 -4.83 -17.22 -12.12
N LYS A 31 -3.60 -17.66 -11.93
CA LYS A 31 -3.22 -19.05 -12.21
C LYS A 31 -4.05 -20.03 -11.37
N ASP A 32 -4.20 -19.74 -10.08
CA ASP A 32 -4.92 -20.63 -9.18
C ASP A 32 -6.42 -20.66 -9.52
N ILE A 33 -6.99 -19.50 -9.78
CA ILE A 33 -8.39 -19.42 -10.18
C ILE A 33 -8.62 -20.15 -11.50
N ASN A 34 -7.73 -19.93 -12.47
CA ASN A 34 -7.82 -20.61 -13.75
C ASN A 34 -7.77 -22.13 -13.64
N ALA A 35 -6.90 -22.63 -12.76
CA ALA A 35 -6.75 -24.07 -12.56
C ALA A 35 -8.01 -24.67 -11.94
N ALA A 36 -8.79 -23.83 -11.26
CA ALA A 36 -10.03 -24.27 -10.61
C ALA A 36 -11.26 -24.07 -11.51
N GLY A 37 -11.04 -23.62 -12.74
CA GLY A 37 -12.12 -23.51 -13.71
C GLY A 37 -12.39 -22.11 -14.22
N GLY A 38 -11.61 -21.15 -13.73
CA GLY A 38 -11.77 -19.78 -14.15
C GLY A 38 -12.88 -19.04 -13.41
N ILE A 39 -13.31 -17.92 -13.97
CA ILE A 39 -14.40 -17.16 -13.37
C ILE A 39 -15.66 -17.43 -14.17
N ASN A 40 -16.65 -18.06 -13.53
CA ASN A 40 -17.87 -18.47 -14.23
C ASN A 40 -17.56 -19.20 -15.52
N GLY A 41 -16.60 -20.11 -15.46
CA GLY A 41 -16.26 -20.96 -16.60
C GLY A 41 -15.29 -20.37 -17.59
N GLU A 42 -14.86 -19.13 -17.38
CA GLU A 42 -13.98 -18.48 -18.34
C GLU A 42 -12.61 -18.20 -17.75
N GLN A 43 -11.56 -18.44 -18.53
CA GLN A 43 -10.21 -18.19 -18.07
C GLN A 43 -9.90 -16.70 -17.98
N ILE A 44 -9.11 -16.35 -16.99
CA ILE A 44 -8.57 -15.00 -16.85
C ILE A 44 -7.36 -14.83 -17.77
N LYS A 45 -7.32 -13.72 -18.48
CA LYS A 45 -6.13 -13.32 -19.23
C LYS A 45 -5.56 -12.06 -18.58
N ILE A 46 -4.30 -12.11 -18.17
CA ILE A 46 -3.66 -10.99 -17.51
C ILE A 46 -2.93 -10.10 -18.51
N VAL A 47 -3.15 -8.80 -18.40
CA VAL A 47 -2.31 -7.84 -19.10
C VAL A 47 -1.61 -6.95 -18.08
N LEU A 48 -0.40 -6.53 -18.39
CA LEU A 48 0.40 -5.74 -17.47
C LEU A 48 0.55 -4.32 -17.96
N GLY A 49 0.57 -3.37 -17.03
CA GLY A 49 0.87 -1.99 -17.35
C GLY A 49 1.76 -1.36 -16.28
N ASP A 50 2.88 -0.77 -16.72
CA ASP A 50 3.86 -0.16 -15.81
C ASP A 50 3.64 1.34 -15.68
N ASP A 51 3.18 1.79 -14.51
CA ASP A 51 2.94 3.22 -14.31
C ASP A 51 4.15 4.03 -13.82
N VAL A 52 5.25 3.33 -13.46
CA VAL A 52 6.48 4.00 -12.98
C VAL A 52 6.21 4.96 -11.82
N SER A 53 5.15 4.73 -11.07
CA SER A 53 4.73 5.64 -9.98
C SER A 53 4.56 7.07 -10.44
N ASP A 54 4.19 7.24 -11.71
CA ASP A 54 4.11 8.56 -12.31
C ASP A 54 2.69 8.76 -12.82
N PRO A 55 1.94 9.70 -12.24
CA PRO A 55 0.55 9.87 -12.66
C PRO A 55 0.36 9.99 -14.19
N LYS A 56 1.25 10.70 -14.88
CA LYS A 56 1.13 10.86 -16.32
C LYS A 56 1.29 9.52 -17.05
N GLN A 57 2.22 8.70 -16.58
CA GLN A 57 2.44 7.40 -17.21
C GLN A 57 1.33 6.42 -16.84
N GLY A 58 0.78 6.58 -15.63
CA GLY A 58 -0.39 5.81 -15.25
C GLY A 58 -1.58 6.08 -16.16
N ILE A 59 -1.75 7.33 -16.58
CA ILE A 59 -2.85 7.65 -17.49
C ILE A 59 -2.64 7.00 -18.86
N SER A 60 -1.40 6.95 -19.33
CA SER A 60 -1.16 6.24 -20.59
C SER A 60 -1.48 4.76 -20.45
N VAL A 61 -1.06 4.16 -19.34
CA VAL A 61 -1.39 2.77 -19.02
C VAL A 61 -2.90 2.54 -19.02
N ALA A 62 -3.64 3.43 -18.37
CA ALA A 62 -5.09 3.28 -18.32
C ALA A 62 -5.70 3.26 -19.71
N ASN A 63 -5.20 4.13 -20.59
CA ASN A 63 -5.65 4.14 -21.98
C ASN A 63 -5.34 2.84 -22.72
N LYS A 64 -4.13 2.34 -22.54
CA LYS A 64 -3.75 1.05 -23.10
C LYS A 64 -4.72 -0.05 -22.66
N PHE A 65 -5.04 -0.07 -21.37
CA PHE A 65 -5.95 -1.06 -20.83
C PHE A 65 -7.34 -0.95 -21.48
N VAL A 66 -7.88 0.26 -21.58
CA VAL A 66 -9.16 0.42 -22.27
C VAL A 66 -9.11 -0.16 -23.70
N ALA A 67 -8.07 0.19 -24.44
CA ALA A 67 -7.91 -0.27 -25.82
C ALA A 67 -7.86 -1.80 -25.93
N ASP A 68 -7.27 -2.44 -24.92
CA ASP A 68 -7.04 -3.88 -24.94
C ASP A 68 -8.23 -4.68 -24.41
N GLY A 69 -9.32 -4.00 -24.13
CA GLY A 69 -10.54 -4.68 -23.71
C GLY A 69 -10.50 -5.13 -22.26
N VAL A 70 -9.66 -4.50 -21.45
CA VAL A 70 -9.61 -4.79 -20.03
C VAL A 70 -10.98 -4.54 -19.39
N LYS A 71 -11.39 -5.44 -18.49
CA LYS A 71 -12.65 -5.30 -17.77
C LYS A 71 -12.45 -4.97 -16.29
N PHE A 72 -11.34 -5.45 -15.73
CA PHE A 72 -11.02 -5.25 -14.31
C PHE A 72 -9.56 -4.87 -14.18
N VAL A 73 -9.25 -3.96 -13.27
CA VAL A 73 -7.88 -3.60 -12.96
C VAL A 73 -7.58 -3.90 -11.50
N VAL A 74 -6.54 -4.68 -11.27
CA VAL A 74 -5.95 -4.80 -9.93
C VAL A 74 -4.81 -3.79 -9.90
N GLY A 75 -4.97 -2.74 -9.10
CA GLY A 75 -4.00 -1.65 -9.06
C GLY A 75 -4.71 -0.34 -8.82
N HIS A 76 -3.99 0.77 -8.85
CA HIS A 76 -2.53 0.79 -8.97
C HIS A 76 -1.97 0.76 -7.55
N ALA A 77 -0.70 1.15 -7.35
CA ALA A 77 -0.13 1.13 -6.00
C ALA A 77 -0.25 2.51 -5.36
N ASN A 78 0.24 3.52 -6.07
CA ASN A 78 0.30 4.88 -5.56
C ASN A 78 -1.04 5.57 -5.70
N SER A 79 -1.43 6.32 -4.67
CA SER A 79 -2.71 7.02 -4.71
C SER A 79 -2.75 8.07 -5.81
N GLY A 80 -1.63 8.77 -6.02
CA GLY A 80 -1.58 9.80 -7.03
C GLY A 80 -1.68 9.25 -8.45
N VAL A 81 -1.42 7.95 -8.61
CA VAL A 81 -1.63 7.28 -9.88
C VAL A 81 -3.07 6.76 -9.94
N SER A 82 -3.51 6.10 -8.88
CA SER A 82 -4.79 5.42 -8.85
C SER A 82 -5.98 6.38 -8.95
N ILE A 83 -5.87 7.55 -8.35
CA ILE A 83 -6.99 8.48 -8.34
C ILE A 83 -7.31 8.96 -9.78
N PRO A 84 -6.33 9.51 -10.51
CA PRO A 84 -6.65 9.88 -11.90
C PRO A 84 -6.99 8.68 -12.80
N ALA A 85 -6.28 7.56 -12.67
CA ALA A 85 -6.56 6.40 -13.50
C ALA A 85 -8.00 5.89 -13.31
N SER A 86 -8.47 5.93 -12.06
CA SER A 86 -9.81 5.45 -11.74
C SER A 86 -10.92 6.18 -12.48
N GLU A 87 -10.69 7.45 -12.82
CA GLU A 87 -11.68 8.19 -13.60
C GLU A 87 -11.76 7.68 -15.04
N VAL A 88 -10.61 7.40 -15.64
CA VAL A 88 -10.60 6.78 -16.96
C VAL A 88 -11.37 5.45 -16.88
N TYR A 89 -11.06 4.63 -15.88
CA TYR A 89 -11.76 3.36 -15.74
C TYR A 89 -13.26 3.55 -15.53
N ALA A 90 -13.63 4.51 -14.67
CA ALA A 90 -15.03 4.73 -14.32
C ALA A 90 -15.85 5.17 -15.52
N GLU A 91 -15.19 5.83 -16.47
CA GLU A 91 -15.85 6.39 -17.65
C GLU A 91 -15.83 5.41 -18.82
N ASN A 92 -15.22 4.24 -18.62
CA ASN A 92 -15.01 3.27 -19.69
C ASN A 92 -15.29 1.83 -19.25
N GLY A 93 -16.20 1.69 -18.29
CA GLY A 93 -16.73 0.38 -17.93
C GLY A 93 -15.76 -0.58 -17.25
N ILE A 94 -14.78 -0.05 -16.52
CA ILE A 94 -13.75 -0.88 -15.89
C ILE A 94 -13.78 -0.76 -14.37
N LEU A 95 -13.88 -1.90 -13.68
CA LEU A 95 -13.83 -1.93 -12.22
C LEU A 95 -12.38 -1.94 -11.76
N GLU A 96 -12.05 -1.07 -10.81
CA GLU A 96 -10.69 -1.00 -10.28
C GLU A 96 -10.66 -1.36 -8.81
N ILE A 97 -9.89 -2.40 -8.47
CA ILE A 97 -9.68 -2.74 -7.08
C ILE A 97 -8.20 -2.60 -6.73
N THR A 98 -7.90 -1.62 -5.89
CA THR A 98 -6.51 -1.39 -5.50
C THR A 98 -6.12 -2.23 -4.29
N PRO A 99 -4.93 -2.87 -4.34
CA PRO A 99 -4.45 -3.58 -3.15
C PRO A 99 -3.64 -2.69 -2.22
N ALA A 100 -3.34 -1.46 -2.61
CA ALA A 100 -2.33 -0.69 -1.89
C ALA A 100 -2.51 0.82 -1.82
N ALA A 101 -3.42 1.40 -2.60
CA ALA A 101 -3.63 2.85 -2.53
C ALA A 101 -4.54 3.18 -1.36
N THR A 102 -4.06 4.04 -0.48
CA THR A 102 -4.67 4.26 0.83
C THR A 102 -5.27 5.65 1.04
N ASN A 103 -5.05 6.59 0.12
CA ASN A 103 -5.60 7.92 0.33
CA ASN A 103 -5.61 7.94 0.26
C ASN A 103 -7.13 7.89 0.29
N PRO A 104 -7.78 8.53 1.29
CA PRO A 104 -9.24 8.46 1.37
C PRO A 104 -9.98 8.88 0.10
N VAL A 105 -9.43 9.86 -0.61
CA VAL A 105 -10.10 10.38 -1.81
C VAL A 105 -10.47 9.28 -2.81
N PHE A 106 -9.66 8.22 -2.87
CA PHE A 106 -9.88 7.16 -3.85
C PHE A 106 -11.31 6.59 -3.81
N THR A 107 -11.90 6.49 -2.62
CA THR A 107 -13.26 5.92 -2.48
CA THR A 107 -13.23 5.92 -2.46
C THR A 107 -14.29 6.95 -2.03
N GLU A 108 -13.93 8.24 -2.06
CA GLU A 108 -14.80 9.31 -1.58
C GLU A 108 -15.32 10.22 -2.68
N ARG A 109 -15.35 9.73 -3.91
CA ARG A 109 -15.78 10.54 -5.07
C ARG A 109 -17.10 10.06 -5.69
N GLY A 110 -17.73 9.05 -5.12
CA GLY A 110 -19.01 8.57 -5.64
C GLY A 110 -18.89 7.82 -6.95
N LEU A 111 -17.71 7.26 -7.21
CA LEU A 111 -17.51 6.44 -8.40
C LEU A 111 -18.00 5.02 -8.17
N TRP A 112 -18.68 4.46 -9.15
CA TRP A 112 -19.25 3.12 -9.04
C TRP A 112 -18.18 2.02 -8.98
N ASN A 113 -16.97 2.33 -9.43
CA ASN A 113 -16.01 1.29 -9.79
C ASN A 113 -14.82 1.11 -8.86
N THR A 114 -14.72 1.92 -7.82
CA THR A 114 -13.52 1.92 -6.98
C THR A 114 -13.67 1.06 -5.72
N PHE A 115 -12.71 0.16 -5.53
CA PHE A 115 -12.65 -0.74 -4.39
C PHE A 115 -11.23 -0.87 -3.92
N ARG A 116 -11.05 -1.33 -2.67
CA ARG A 116 -9.71 -1.68 -2.19
C ARG A 116 -9.72 -2.97 -1.40
N THR A 117 -8.56 -3.60 -1.31
CA THR A 117 -8.36 -4.64 -0.29
C THR A 117 -7.54 -4.12 0.90
N CYS A 118 -7.00 -2.91 0.80
CA CYS A 118 -6.21 -2.29 1.87
C CYS A 118 -7.05 -1.25 2.62
N GLY A 119 -6.50 -0.75 3.73
CA GLY A 119 -7.14 0.29 4.51
C GLY A 119 -6.94 1.67 3.91
N ARG A 120 -7.24 2.69 4.71
CA ARG A 120 -7.16 4.06 4.26
C ARG A 120 -6.52 4.94 5.32
N ASP A 121 -6.01 6.08 4.90
CA ASP A 121 -5.08 6.83 5.74
C ASP A 121 -5.69 7.61 6.91
N ASP A 122 -7.01 7.83 6.90
CA ASP A 122 -7.64 8.33 8.11
C ASP A 122 -7.60 7.26 9.22
N GLN A 123 -7.80 6.00 8.84
CA GLN A 123 -7.62 4.88 9.78
C GLN A 123 -6.16 4.80 10.22
N GLN A 124 -5.26 4.80 9.25
CA GLN A 124 -3.84 4.61 9.52
C GLN A 124 -3.26 5.72 10.39
N GLY A 125 -3.58 6.97 10.05
CA GLY A 125 -3.10 8.11 10.82
C GLY A 125 -3.67 8.14 12.22
N GLY A 126 -4.89 7.65 12.41
CA GLY A 126 -5.47 7.60 13.74
C GLY A 126 -4.67 6.68 14.64
N ILE A 127 -4.30 5.52 14.10
CA ILE A 127 -3.50 4.57 14.85
C ILE A 127 -2.11 5.13 15.14
N ALA A 128 -1.48 5.72 14.12
CA ALA A 128 -0.13 6.27 14.28
C ALA A 128 -0.07 7.43 15.27
N GLY A 129 -1.00 8.37 15.16
CA GLY A 129 -1.01 9.53 16.03
C GLY A 129 -1.22 9.14 17.48
N LYS A 130 -2.12 8.19 17.71
CA LYS A 130 -2.38 7.70 19.06
C LYS A 130 -1.13 7.02 19.61
N TYR A 131 -0.45 6.25 18.77
CA TYR A 131 0.77 5.57 19.18
C TYR A 131 1.85 6.56 19.64
N LEU A 132 2.00 7.65 18.90
CA LEU A 132 2.98 8.67 19.25
C LEU A 132 2.70 9.21 20.64
N ALA A 133 1.43 9.51 20.92
CA ALA A 133 1.05 10.06 22.21
C ALA A 133 1.18 9.04 23.34
N ASP A 134 0.86 7.78 23.03
CA ASP A 134 0.95 6.71 24.04
C ASP A 134 2.38 6.38 24.43
N HIS A 135 3.31 6.43 23.48
CA HIS A 135 4.67 5.95 23.72
C HIS A 135 5.74 7.04 23.72
N PHE A 136 5.44 8.20 23.15
CA PHE A 136 6.43 9.26 23.03
C PHE A 136 5.82 10.60 23.46
N LYS A 137 5.04 10.56 24.52
CA LYS A 137 4.27 11.73 24.95
C LYS A 137 5.11 12.99 25.09
N ASP A 138 6.33 12.85 25.57
CA ASP A 138 7.17 14.01 25.87
C ASP A 138 8.25 14.28 24.82
N ALA A 139 8.26 13.48 23.76
CA ALA A 139 9.29 13.61 22.73
C ALA A 139 9.10 14.84 21.86
N LYS A 140 10.20 15.35 21.32
CA LYS A 140 10.14 16.38 20.29
C LYS A 140 10.03 15.68 18.93
N VAL A 141 8.90 15.90 18.27
CA VAL A 141 8.55 15.18 17.05
C VAL A 141 8.63 16.08 15.84
N ALA A 142 9.27 15.60 14.78
CA ALA A 142 9.23 16.28 13.49
C ALA A 142 8.29 15.49 12.58
N ILE A 143 7.34 16.18 11.96
CA ILE A 143 6.48 15.56 10.97
C ILE A 143 6.93 15.98 9.58
N ILE A 144 7.40 15.01 8.80
CA ILE A 144 7.95 15.27 7.48
C ILE A 144 7.14 14.48 6.47
N HIS A 145 6.85 15.09 5.33
CA HIS A 145 6.08 14.40 4.29
C HIS A 145 6.67 14.65 2.92
N ASP A 146 6.21 13.87 1.93
CA ASP A 146 6.80 13.90 0.60
C ASP A 146 6.04 14.76 -0.41
N LYS A 147 5.18 15.65 0.07
CA LYS A 147 4.46 16.60 -0.80
C LYS A 147 3.62 15.93 -1.88
N THR A 148 3.17 14.71 -1.61
CA THR A 148 2.15 14.07 -2.43
C THR A 148 0.86 13.94 -1.60
N PRO A 149 -0.31 13.91 -2.26
CA PRO A 149 -1.48 13.68 -1.39
C PRO A 149 -1.43 12.39 -0.55
N TYR A 150 -0.80 11.31 -1.00
CA TYR A 150 -0.60 10.16 -0.11
C TYR A 150 0.21 10.56 1.13
N GLY A 151 1.42 11.05 0.89
CA GLY A 151 2.37 11.29 1.98
C GLY A 151 1.92 12.41 2.89
N GLN A 152 1.56 13.54 2.29
CA GLN A 152 1.09 14.66 3.11
C GLN A 152 -0.25 14.33 3.76
N GLY A 153 -1.09 13.57 3.06
CA GLY A 153 -2.37 13.15 3.63
C GLY A 153 -2.18 12.30 4.86
N LEU A 154 -1.27 11.33 4.78
CA LEU A 154 -0.99 10.47 5.92
C LEU A 154 -0.39 11.28 7.06
N ALA A 155 0.59 12.13 6.74
CA ALA A 155 1.19 12.99 7.76
C ALA A 155 0.14 13.88 8.44
N ASP A 156 -0.80 14.39 7.66
CA ASP A 156 -1.83 15.27 8.22
C ASP A 156 -2.81 14.53 9.11
N GLU A 157 -3.16 13.29 8.75
CA GLU A 157 -4.05 12.49 9.58
C GLU A 157 -3.34 12.13 10.89
N THR A 158 -2.08 11.75 10.80
CA THR A 158 -1.30 11.43 11.97
C THR A 158 -1.16 12.66 12.86
N LYS A 159 -0.89 13.82 12.26
CA LYS A 159 -0.79 15.08 12.99
C LYS A 159 -2.07 15.36 13.78
N LYS A 160 -3.20 15.26 13.10
CA LYS A 160 -4.50 15.51 13.74
C LYS A 160 -4.68 14.64 14.98
N ALA A 161 -4.40 13.35 14.83
CA ALA A 161 -4.59 12.39 15.91
C ALA A 161 -3.59 12.60 17.03
N ALA A 162 -2.34 12.88 16.67
CA ALA A 162 -1.31 13.11 17.67
C ALA A 162 -1.62 14.37 18.47
N ASN A 163 -1.97 15.45 17.77
CA ASN A 163 -2.32 16.70 18.44
C ASN A 163 -3.47 16.52 19.42
N ALA A 164 -4.50 15.79 19.01
CA ALA A 164 -5.65 15.56 19.87
C ALA A 164 -5.30 14.76 21.12
N ALA A 165 -4.29 13.91 21.00
CA ALA A 165 -3.86 13.07 22.10
C ALA A 165 -2.72 13.71 22.92
N GLY A 166 -2.39 14.95 22.60
CA GLY A 166 -1.50 15.73 23.45
C GLY A 166 -0.07 15.90 22.97
N VAL A 167 0.21 15.51 21.73
CA VAL A 167 1.54 15.70 21.18
C VAL A 167 1.56 16.80 20.13
N THR A 168 2.32 17.86 20.40
CA THR A 168 2.47 18.96 19.45
C THR A 168 3.86 18.87 18.82
N GLU A 169 3.89 18.70 17.51
CA GLU A 169 5.15 18.53 16.79
C GLU A 169 5.97 19.82 16.85
N VAL A 170 7.29 19.70 16.78
CA VAL A 170 8.15 20.89 16.78
C VAL A 170 8.49 21.34 15.37
N MET A 171 8.29 20.44 14.40
CA MET A 171 8.54 20.76 13.00
C MET A 171 7.49 20.10 12.14
N TYR A 172 7.12 20.77 11.05
CA TYR A 172 6.27 20.20 10.02
C TYR A 172 6.84 20.66 8.68
N GLU A 173 7.31 19.72 7.86
CA GLU A 173 8.11 20.05 6.68
C GLU A 173 7.78 19.11 5.54
N GLY A 174 7.79 19.64 4.32
CA GLY A 174 7.67 18.82 3.13
C GLY A 174 8.98 18.73 2.35
N VAL A 175 9.23 17.57 1.76
CA VAL A 175 10.37 17.37 0.84
C VAL A 175 9.85 16.82 -0.47
N ASN A 176 10.64 16.94 -1.53
CA ASN A 176 10.24 16.48 -2.84
C ASN A 176 10.64 15.04 -3.09
N VAL A 177 9.71 14.25 -3.60
CA VAL A 177 10.04 12.92 -4.06
C VAL A 177 11.17 13.04 -5.07
N GLY A 178 12.21 12.22 -4.90
CA GLY A 178 13.35 12.26 -5.80
C GLY A 178 14.54 13.05 -5.26
N ASP A 179 14.31 13.89 -4.28
CA ASP A 179 15.43 14.59 -3.63
C ASP A 179 16.12 13.60 -2.70
N LYS A 180 17.45 13.71 -2.60
CA LYS A 180 18.24 12.70 -1.89
C LYS A 180 19.22 13.24 -0.87
N ASP A 181 19.42 14.55 -0.83
CA ASP A 181 20.29 15.12 0.17
C ASP A 181 19.45 15.73 1.29
N PHE A 182 19.44 15.08 2.44
CA PHE A 182 18.63 15.50 3.57
C PHE A 182 19.45 16.16 4.68
N SER A 183 20.71 16.49 4.39
CA SER A 183 21.61 17.01 5.41
CA SER A 183 21.62 17.03 5.39
C SER A 183 21.06 18.27 6.09
N ALA A 184 20.54 19.21 5.30
CA ALA A 184 20.05 20.45 5.89
C ALA A 184 18.86 20.19 6.82
N LEU A 185 17.93 19.35 6.38
CA LEU A 185 16.77 19.02 7.18
C LEU A 185 17.18 18.29 8.44
N ILE A 186 18.10 17.35 8.29
CA ILE A 186 18.59 16.59 9.43
C ILE A 186 19.27 17.51 10.43
N SER A 187 20.05 18.47 9.93
CA SER A 187 20.70 19.44 10.82
C SER A 187 19.66 20.30 11.55
N LYS A 188 18.60 20.69 10.84
CA LYS A 188 17.52 21.45 11.44
C LYS A 188 16.83 20.65 12.54
N MET A 189 16.60 19.37 12.29
CA MET A 189 15.99 18.51 13.29
C MET A 189 16.89 18.33 14.52
N LYS A 190 18.18 18.18 14.28
CA LYS A 190 19.13 18.02 15.39
C LYS A 190 19.15 19.28 16.25
N GLU A 191 19.18 20.43 15.60
CA GLU A 191 19.13 21.72 16.29
C GLU A 191 17.89 21.82 17.18
N ALA A 192 16.78 21.30 16.69
CA ALA A 192 15.50 21.41 17.36
C ALA A 192 15.30 20.34 18.44
N GLY A 193 16.28 19.46 18.58
CA GLY A 193 16.24 18.41 19.59
C GLY A 193 15.29 17.27 19.28
N VAL A 194 14.99 17.10 17.98
CA VAL A 194 14.08 16.05 17.53
C VAL A 194 14.58 14.67 17.89
N SER A 195 13.69 13.84 18.44
CA SER A 195 14.02 12.45 18.73
C SER A 195 13.09 11.45 18.02
N ILE A 196 12.03 11.97 17.42
CA ILE A 196 11.10 11.14 16.65
C ILE A 196 10.82 11.85 15.32
N ILE A 197 11.02 11.13 14.21
CA ILE A 197 10.69 11.63 12.89
C ILE A 197 9.48 10.85 12.38
N TYR A 198 8.34 11.51 12.24
CA TYR A 198 7.23 10.86 11.57
C TYR A 198 7.30 11.17 10.08
N TRP A 199 7.34 10.12 9.26
CA TRP A 199 7.54 10.25 7.82
C TRP A 199 6.28 9.83 7.05
N GLY A 200 5.68 10.80 6.36
CA GLY A 200 4.57 10.52 5.46
C GLY A 200 5.07 10.39 4.03
N GLY A 201 5.37 9.16 3.62
CA GLY A 201 5.94 8.93 2.31
C GLY A 201 6.37 7.49 2.14
N LEU A 202 7.25 7.28 1.17
CA LEU A 202 7.58 5.95 0.68
C LEU A 202 8.98 5.52 1.13
N HIS A 203 9.38 4.31 0.74
CA HIS A 203 10.58 3.71 1.32
C HIS A 203 11.88 4.35 0.86
N THR A 204 11.92 4.90 -0.35
CA THR A 204 13.20 5.42 -0.87
C THR A 204 13.67 6.57 -0.01
N GLU A 205 12.79 7.57 0.14
CA GLU A 205 13.15 8.72 0.95
C GLU A 205 13.32 8.34 2.44
N ALA A 206 12.48 7.42 2.94
CA ALA A 206 12.61 6.98 4.32
C ALA A 206 13.98 6.37 4.58
N GLY A 207 14.41 5.49 3.68
CA GLY A 207 15.69 4.83 3.83
C GLY A 207 16.85 5.81 3.79
N LEU A 208 16.75 6.79 2.90
CA LEU A 208 17.77 7.83 2.80
C LEU A 208 17.84 8.67 4.08
N ILE A 209 16.69 9.03 4.64
CA ILE A 209 16.63 9.79 5.88
C ILE A 209 17.24 9.00 7.04
N ILE A 210 16.86 7.73 7.16
CA ILE A 210 17.38 6.88 8.23
C ILE A 210 18.90 6.77 8.17
N ARG A 211 19.41 6.49 6.96
CA ARG A 211 20.83 6.31 6.79
C ARG A 211 21.59 7.60 7.08
N GLN A 212 21.10 8.71 6.54
CA GLN A 212 21.76 10.00 6.72
C GLN A 212 21.70 10.52 8.15
N ALA A 213 20.57 10.31 8.82
CA ALA A 213 20.46 10.73 10.21
C ALA A 213 21.50 10.03 11.07
N ALA A 214 21.67 8.73 10.87
CA ALA A 214 22.65 7.97 11.65
C ALA A 214 24.06 8.50 11.37
N ASP A 215 24.35 8.76 10.11
CA ASP A 215 25.68 9.21 9.71
C ASP A 215 25.99 10.61 10.24
N GLN A 216 24.96 11.45 10.34
CA GLN A 216 25.10 12.85 10.74
CA GLN A 216 25.18 12.84 10.74
C GLN A 216 24.97 13.08 12.23
N GLY A 217 24.75 12.01 12.98
CA GLY A 217 24.67 12.10 14.43
C GLY A 217 23.34 12.59 14.99
N LEU A 218 22.25 12.39 14.25
CA LEU A 218 20.92 12.69 14.79
C LEU A 218 20.35 11.42 15.39
N LYS A 219 20.21 11.38 16.71
CA LYS A 219 19.56 10.23 17.36
C LYS A 219 18.05 10.42 17.35
N ALA A 220 17.43 9.85 16.34
CA ALA A 220 15.98 9.93 16.20
C ALA A 220 15.45 8.64 15.60
N LYS A 221 14.28 8.24 16.07
CA LYS A 221 13.61 7.05 15.58
C LYS A 221 12.65 7.47 14.49
N LEU A 222 12.69 6.80 13.35
CA LEU A 222 11.73 7.08 12.29
C LEU A 222 10.49 6.22 12.46
N VAL A 223 9.33 6.87 12.34
CA VAL A 223 8.03 6.21 12.40
C VAL A 223 7.33 6.55 11.09
N SER A 224 6.81 5.54 10.40
CA SER A 224 6.15 5.79 9.13
C SER A 224 4.95 4.89 9.00
N GLY A 225 4.49 4.72 7.76
CA GLY A 225 3.31 3.91 7.50
C GLY A 225 3.59 2.80 6.50
N ASP A 226 2.54 2.45 5.75
CA ASP A 226 2.57 1.30 4.86
C ASP A 226 3.57 1.49 3.72
N GLY A 227 4.02 2.71 3.50
CA GLY A 227 4.94 3.00 2.42
C GLY A 227 6.31 2.38 2.56
N ILE A 228 6.65 1.88 3.74
CA ILE A 228 8.00 1.37 3.95
C ILE A 228 8.12 -0.15 4.05
N VAL A 229 7.03 -0.87 3.76
CA VAL A 229 7.03 -2.34 3.92
C VAL A 229 7.64 -3.09 2.72
N SER A 230 8.96 -2.93 2.59
CA SER A 230 9.75 -3.68 1.62
C SER A 230 11.14 -3.92 2.17
N ASN A 231 11.67 -5.10 1.88
CA ASN A 231 13.10 -5.37 2.11
C ASN A 231 14.00 -4.26 1.58
N GLU A 232 13.57 -3.57 0.53
CA GLU A 232 14.43 -2.52 -0.04
C GLU A 232 14.68 -1.38 0.95
N LEU A 233 13.78 -1.18 1.92
CA LEU A 233 14.06 -0.18 2.97
C LEU A 233 15.36 -0.53 3.68
N ALA A 234 15.50 -1.79 4.08
CA ALA A 234 16.71 -2.26 4.76
C ALA A 234 17.93 -2.15 3.85
N SER A 235 17.76 -2.44 2.57
CA SER A 235 18.87 -2.34 1.63
C SER A 235 19.42 -0.92 1.50
N ILE A 236 18.53 0.07 1.56
CA ILE A 236 18.98 1.46 1.47
C ILE A 236 19.53 1.94 2.81
N ALA A 237 18.79 1.66 3.88
CA ALA A 237 19.11 2.22 5.20
C ALA A 237 20.29 1.52 5.87
N GLY A 238 20.50 0.25 5.55
CA GLY A 238 21.47 -0.55 6.26
C GLY A 238 21.02 -0.87 7.67
N ASP A 239 21.96 -1.19 8.54
CA ASP A 239 21.62 -1.63 9.89
C ASP A 239 20.99 -0.53 10.73
N ALA A 240 21.11 0.72 10.29
CA ALA A 240 20.48 1.83 10.97
C ALA A 240 18.96 1.70 10.96
N VAL A 241 18.42 0.85 10.09
CA VAL A 241 16.99 0.61 10.04
C VAL A 241 16.43 0.05 11.36
N GLU A 242 17.27 -0.62 12.14
CA GLU A 242 16.81 -1.26 13.38
C GLU A 242 16.09 -0.26 14.26
N GLY A 243 14.90 -0.63 14.73
CA GLY A 243 14.14 0.20 15.65
C GLY A 243 13.12 1.10 14.98
N THR A 244 13.21 1.23 13.65
CA THR A 244 12.19 1.94 12.89
C THR A 244 10.82 1.34 13.17
N LEU A 245 9.79 2.17 13.21
CA LEU A 245 8.42 1.72 13.41
C LEU A 245 7.56 2.10 12.21
N ASN A 246 6.55 1.29 11.94
CA ASN A 246 5.56 1.69 10.93
C ASN A 246 4.24 0.96 11.10
N THR A 247 3.17 1.60 10.66
CA THR A 247 1.87 0.95 10.60
C THR A 247 1.71 0.17 9.30
N PHE A 248 0.93 -0.91 9.37
CA PHE A 248 0.52 -1.69 8.22
C PHE A 248 -0.66 -2.50 8.70
N GLY A 249 -1.45 -3.04 7.78
CA GLY A 249 -2.51 -3.95 8.16
C GLY A 249 -1.92 -5.27 8.65
N PRO A 250 -2.78 -6.25 8.90
CA PRO A 250 -2.33 -7.60 9.20
C PRO A 250 -1.33 -8.09 8.16
N ASP A 251 -0.33 -8.83 8.62
CA ASP A 251 0.65 -9.45 7.73
C ASP A 251 0.08 -10.80 7.28
N PRO A 252 -0.40 -10.86 6.03
CA PRO A 252 -1.12 -12.07 5.63
C PRO A 252 -0.22 -13.28 5.48
N THR A 253 1.10 -13.09 5.40
CA THR A 253 1.99 -14.22 5.27
C THR A 253 2.02 -15.05 6.56
N LEU A 254 1.52 -14.49 7.65
CA LEU A 254 1.50 -15.17 8.94
C LEU A 254 0.19 -15.91 9.20
N ARG A 255 -0.81 -15.72 8.34
CA ARG A 255 -2.07 -16.43 8.50
C ARG A 255 -1.85 -17.92 8.23
N PRO A 256 -2.34 -18.78 9.14
CA PRO A 256 -2.10 -20.22 8.98
C PRO A 256 -2.66 -20.77 7.66
N GLU A 257 -3.78 -20.20 7.23
CA GLU A 257 -4.42 -20.62 5.98
C GLU A 257 -3.53 -20.43 4.76
N ASN A 258 -2.53 -19.56 4.87
CA ASN A 258 -1.68 -19.20 3.74
C ASN A 258 -0.34 -19.92 3.71
N LYS A 259 -0.15 -20.86 4.62
CA LYS A 259 1.15 -21.50 4.77
C LYS A 259 1.65 -22.10 3.45
N GLU A 260 0.80 -22.88 2.80
CA GLU A 260 1.19 -23.56 1.56
C GLU A 260 1.36 -22.55 0.42
N LEU A 261 0.50 -21.55 0.38
CA LEU A 261 0.59 -20.52 -0.65
C LEU A 261 1.91 -19.77 -0.57
N VAL A 262 2.31 -19.39 0.64
CA VAL A 262 3.58 -18.71 0.84
C VAL A 262 4.75 -19.62 0.42
N GLU A 263 4.68 -20.90 0.79
CA GLU A 263 5.72 -21.84 0.39
C GLU A 263 5.84 -21.94 -1.13
N LYS A 264 4.70 -21.87 -1.81
CA LYS A 264 4.66 -21.93 -3.27
C LYS A 264 5.34 -20.72 -3.91
N PHE A 265 5.07 -19.53 -3.39
CA PHE A 265 5.75 -18.35 -3.91
C PHE A 265 7.26 -18.53 -3.79
N LYS A 266 7.72 -18.98 -2.63
CA LYS A 266 9.16 -19.14 -2.43
C LYS A 266 9.75 -20.20 -3.36
N ALA A 267 9.01 -21.26 -3.64
CA ALA A 267 9.48 -22.28 -4.60
C ALA A 267 9.57 -21.71 -6.02
N ALA A 268 8.92 -20.56 -6.22
CA ALA A 268 8.99 -19.86 -7.50
C ALA A 268 9.99 -18.71 -7.46
N GLY A 269 10.71 -18.59 -6.35
CA GLY A 269 11.75 -17.58 -6.23
C GLY A 269 11.29 -16.20 -5.81
N PHE A 270 10.11 -16.10 -5.21
CA PHE A 270 9.61 -14.80 -4.76
C PHE A 270 9.22 -14.81 -3.29
N ASN A 271 9.65 -13.77 -2.57
CA ASN A 271 9.24 -13.58 -1.19
C ASN A 271 7.96 -12.75 -1.17
N PRO A 272 6.81 -13.37 -0.84
CA PRO A 272 5.51 -12.72 -1.05
C PRO A 272 5.13 -11.77 0.09
N GLU A 273 6.03 -10.85 0.43
CA GLU A 273 5.80 -9.98 1.57
C GLU A 273 4.77 -8.87 1.28
N ALA A 274 4.26 -8.30 2.36
CA ALA A 274 3.53 -7.04 2.35
C ALA A 274 2.28 -7.10 1.47
N TYR A 275 2.28 -6.34 0.38
CA TYR A 275 1.08 -6.24 -0.44
C TYR A 275 0.85 -7.42 -1.38
N THR A 276 1.79 -8.36 -1.45
CA THR A 276 1.64 -9.48 -2.38
C THR A 276 0.29 -10.17 -2.22
N LEU A 277 -0.05 -10.53 -0.99
CA LEU A 277 -1.30 -11.25 -0.77
C LEU A 277 -2.53 -10.34 -0.73
N TYR A 278 -2.31 -9.03 -0.56
CA TYR A 278 -3.39 -8.07 -0.76
C TYR A 278 -3.80 -8.01 -2.24
N SER A 279 -2.83 -8.17 -3.13
CA SER A 279 -3.10 -8.23 -4.57
C SER A 279 -3.74 -9.57 -4.96
N TYR A 280 -3.20 -10.66 -4.43
CA TYR A 280 -3.81 -11.98 -4.59
C TYR A 280 -5.29 -11.91 -4.18
N ALA A 281 -5.56 -11.31 -3.01
CA ALA A 281 -6.93 -11.19 -2.51
C ALA A 281 -7.83 -10.32 -3.38
N ALA A 282 -7.28 -9.27 -3.99
CA ALA A 282 -8.09 -8.46 -4.90
C ALA A 282 -8.61 -9.29 -6.06
N MET A 283 -7.76 -10.16 -6.62
CA MET A 283 -8.18 -11.07 -7.68
C MET A 283 -9.27 -12.02 -7.19
N GLN A 284 -9.09 -12.54 -5.98
CA GLN A 284 -10.08 -13.45 -5.41
C GLN A 284 -11.43 -12.74 -5.18
N ALA A 285 -11.39 -11.48 -4.80
CA ALA A 285 -12.64 -10.73 -4.58
C ALA A 285 -13.41 -10.59 -5.89
N ILE A 286 -12.71 -10.26 -6.96
CA ILE A 286 -13.35 -10.19 -8.28
C ILE A 286 -14.01 -11.52 -8.63
N ALA A 287 -13.27 -12.60 -8.47
CA ALA A 287 -13.81 -13.93 -8.79
C ALA A 287 -15.03 -14.29 -7.94
N GLY A 288 -14.95 -14.02 -6.64
CA GLY A 288 -16.05 -14.36 -5.75
C GLY A 288 -17.28 -13.54 -6.06
N ALA A 289 -17.10 -12.25 -6.31
CA ALA A 289 -18.25 -11.38 -6.63
C ALA A 289 -18.89 -11.74 -7.96
N ALA A 290 -18.09 -12.12 -8.96
CA ALA A 290 -18.64 -12.55 -10.24
C ALA A 290 -19.46 -13.83 -10.06
N LYS A 291 -18.98 -14.72 -9.20
CA LYS A 291 -19.70 -15.95 -8.94
C LYS A 291 -21.06 -15.66 -8.29
N ALA A 292 -21.08 -14.73 -7.34
CA ALA A 292 -22.32 -14.34 -6.69
C ALA A 292 -23.26 -13.60 -7.63
N ALA A 293 -22.71 -12.81 -8.54
CA ALA A 293 -23.49 -12.00 -9.46
C ALA A 293 -24.05 -12.81 -10.63
N GLY A 294 -23.46 -13.97 -10.89
CA GLY A 294 -23.78 -14.73 -12.09
C GLY A 294 -23.41 -13.97 -13.34
N SER A 295 -22.38 -13.12 -13.25
CA SER A 295 -22.01 -12.24 -14.35
C SER A 295 -20.57 -11.78 -14.20
N VAL A 296 -19.91 -11.55 -15.33
CA VAL A 296 -18.59 -10.93 -15.29
C VAL A 296 -18.62 -9.47 -15.77
N GLU A 297 -19.82 -8.92 -15.95
CA GLU A 297 -19.94 -7.51 -16.30
C GLU A 297 -19.48 -6.67 -15.12
N PRO A 298 -18.50 -5.77 -15.34
CA PRO A 298 -17.93 -5.01 -14.22
C PRO A 298 -18.98 -4.31 -13.33
N GLU A 299 -20.01 -3.73 -13.92
CA GLU A 299 -21.02 -3.02 -13.14
C GLU A 299 -21.80 -3.97 -12.24
N LYS A 300 -22.04 -5.19 -12.71
CA LYS A 300 -22.73 -6.19 -11.93
C LYS A 300 -21.83 -6.78 -10.84
N VAL A 301 -20.55 -6.91 -11.14
CA VAL A 301 -19.59 -7.37 -10.15
C VAL A 301 -19.45 -6.36 -9.02
N ALA A 302 -19.44 -5.07 -9.37
CA ALA A 302 -19.39 -4.01 -8.37
C ALA A 302 -20.58 -4.08 -7.41
N GLU A 303 -21.78 -4.28 -7.96
CA GLU A 303 -22.96 -4.42 -7.13
C GLU A 303 -22.84 -5.62 -6.18
N ALA A 304 -22.37 -6.74 -6.70
CA ALA A 304 -22.21 -7.93 -5.88
C ALA A 304 -21.16 -7.75 -4.80
N LEU A 305 -20.07 -7.03 -5.10
CA LEU A 305 -19.05 -6.78 -4.09
C LEU A 305 -19.62 -6.05 -2.88
N LYS A 306 -20.57 -5.15 -3.12
CA LYS A 306 -21.15 -4.35 -2.03
C LYS A 306 -22.25 -5.08 -1.27
N LYS A 307 -22.60 -6.27 -1.74
CA LYS A 307 -23.66 -7.05 -1.11
C LYS A 307 -23.14 -8.21 -0.27
N GLY A 308 -22.15 -8.94 -0.78
CA GLY A 308 -21.79 -10.23 -0.21
C GLY A 308 -20.47 -10.32 0.54
N SER A 309 -20.12 -11.55 0.92
CA SER A 309 -18.83 -11.83 1.55
C SER A 309 -18.12 -12.91 0.74
N PHE A 310 -16.80 -12.86 0.70
CA PHE A 310 -16.03 -13.73 -0.19
C PHE A 310 -14.75 -14.22 0.47
N PRO A 311 -14.39 -15.49 0.23
CA PRO A 311 -13.14 -16.00 0.83
C PRO A 311 -11.91 -15.41 0.15
N THR A 312 -10.92 -15.01 0.94
CA THR A 312 -9.65 -14.53 0.38
C THR A 312 -8.49 -14.84 1.29
N ALA A 313 -7.29 -14.60 0.76
CA ALA A 313 -6.06 -14.78 1.53
C ALA A 313 -5.92 -13.80 2.71
N LEU A 314 -6.77 -12.77 2.73
CA LEU A 314 -6.82 -11.87 3.88
C LEU A 314 -7.84 -12.29 4.92
N GLY A 315 -8.58 -13.36 4.63
CA GLY A 315 -9.75 -13.72 5.40
C GLY A 315 -10.99 -13.34 4.63
N GLU A 316 -12.16 -13.58 5.23
CA GLU A 316 -13.42 -13.29 4.56
C GLU A 316 -13.57 -11.78 4.35
N ILE A 317 -13.80 -11.39 3.10
CA ILE A 317 -13.85 -9.98 2.75
C ILE A 317 -15.27 -9.56 2.40
N SER A 318 -15.61 -8.33 2.75
CA SER A 318 -16.86 -7.69 2.34
C SER A 318 -16.55 -6.20 2.21
N PHE A 319 -17.47 -5.44 1.64
CA PHE A 319 -17.20 -4.05 1.30
C PHE A 319 -18.34 -3.14 1.71
N ASP A 320 -18.01 -1.92 2.13
CA ASP A 320 -19.03 -0.93 2.42
C ASP A 320 -19.50 -0.24 1.13
N GLU A 321 -20.45 0.68 1.26
CA GLU A 321 -21.04 1.28 0.08
C GLU A 321 -20.08 2.14 -0.73
N LYS A 322 -18.95 2.50 -0.13
CA LYS A 322 -17.96 3.30 -0.85
C LYS A 322 -16.91 2.41 -1.53
N GLY A 323 -16.90 1.12 -1.23
CA GLY A 323 -15.92 0.23 -1.80
C GLY A 323 -14.75 -0.08 -0.90
N ASP A 324 -14.78 0.41 0.33
CA ASP A 324 -13.72 0.07 1.29
C ASP A 324 -14.00 -1.27 1.94
N PRO A 325 -12.97 -2.09 2.13
CA PRO A 325 -13.16 -3.43 2.69
C PRO A 325 -13.38 -3.40 4.20
N LYS A 326 -14.13 -4.38 4.67
CA LYS A 326 -14.37 -4.55 6.10
C LYS A 326 -13.40 -5.62 6.59
N LEU A 327 -12.21 -5.19 6.97
CA LEU A 327 -11.12 -6.08 7.35
C LEU A 327 -10.43 -5.50 8.57
N PRO A 328 -9.56 -6.28 9.22
CA PRO A 328 -8.88 -5.79 10.42
C PRO A 328 -8.05 -4.53 10.15
N GLY A 329 -7.91 -3.70 11.19
CA GLY A 329 -7.25 -2.42 11.06
C GLY A 329 -5.73 -2.44 11.17
N TYR A 330 -5.16 -1.24 11.18
CA TYR A 330 -3.72 -1.05 11.23
C TYR A 330 -3.13 -1.37 12.60
N VAL A 331 -1.93 -1.93 12.59
CA VAL A 331 -1.19 -2.19 13.80
C VAL A 331 0.23 -1.66 13.61
N MET A 332 0.96 -1.49 14.71
CA MET A 332 2.32 -0.96 14.65
C MET A 332 3.36 -2.07 14.62
N TYR A 333 4.31 -1.95 13.69
CA TYR A 333 5.41 -2.89 13.50
C TYR A 333 6.73 -2.22 13.87
N GLU A 334 7.70 -3.03 14.28
CA GLU A 334 9.07 -2.56 14.54
C GLU A 334 10.06 -3.35 13.70
N TRP A 335 11.10 -2.67 13.22
CA TRP A 335 12.12 -3.32 12.40
C TRP A 335 13.19 -3.94 13.28
N LYS A 336 13.30 -5.26 13.16
CA LYS A 336 14.28 -6.06 13.90
C LYS A 336 14.68 -7.21 13.00
N LYS A 337 15.73 -7.94 13.38
CA LYS A 337 16.13 -9.10 12.59
C LYS A 337 15.11 -10.23 12.71
N GLY A 338 14.65 -10.74 11.58
CA GLY A 338 13.74 -11.86 11.56
C GLY A 338 14.50 -13.16 11.71
N PRO A 339 13.78 -14.29 11.71
CA PRO A 339 14.44 -15.60 11.87
C PRO A 339 15.47 -15.87 10.78
N ASP A 340 15.28 -15.28 9.61
CA ASP A 340 16.24 -15.47 8.52
C ASP A 340 17.42 -14.51 8.54
N GLY A 341 17.55 -13.73 9.63
CA GLY A 341 18.70 -12.86 9.80
C GLY A 341 18.61 -11.50 9.11
N LYS A 342 17.50 -11.23 8.45
CA LYS A 342 17.32 -9.95 7.76
C LYS A 342 16.40 -9.04 8.55
N PHE A 343 16.71 -7.74 8.54
CA PHE A 343 15.83 -6.77 9.17
C PHE A 343 14.51 -6.71 8.41
N THR A 344 13.40 -6.76 9.15
CA THR A 344 12.07 -6.68 8.57
C THR A 344 11.09 -6.16 9.62
N TYR A 345 9.86 -5.92 9.21
CA TYR A 345 8.83 -5.39 10.11
C TYR A 345 8.11 -6.51 10.87
N ILE A 346 8.12 -6.41 12.19
CA ILE A 346 7.53 -7.43 13.05
C ILE A 346 6.57 -6.76 14.01
N GLN A 347 5.36 -7.29 14.13
CA GLN A 347 4.34 -6.63 14.93
C GLN A 347 4.77 -6.56 16.38
N GLN A 348 4.55 -5.40 17.00
CA GLN A 348 4.91 -5.23 18.40
C GLN A 348 3.93 -5.96 19.31
N LEU B . -0.36 3.52 0.18
CA LEU B . 0.51 4.17 -0.77
C LEU B . -0.30 5.16 -1.57
O LEU B . 0.24 5.91 -2.40
CB LEU B . 1.17 3.17 -1.73
CG LEU B . 1.86 1.94 -1.13
CD1 LEU B . 2.49 1.06 -2.22
CD2 LEU B . 2.93 2.34 -0.14
OXT LEU B . -1.53 5.22 -1.38
S SO4 C . 2.49 -3.08 -24.61
O1 SO4 C . 3.53 -3.88 -25.27
O2 SO4 C . 2.21 -1.88 -25.39
O3 SO4 C . 1.29 -3.89 -24.47
O4 SO4 C . 2.97 -2.70 -23.28
#